data_4Q7Q
#
_entry.id   4Q7Q
#
_cell.length_a   80.611
_cell.length_b   80.611
_cell.length_c   93.005
_cell.angle_alpha   90.00
_cell.angle_beta   90.00
_cell.angle_gamma   90.00
#
_symmetry.space_group_name_H-M   'P 43'
#
loop_
_entity.id
_entity.type
_entity.pdbx_description
1 polymer 'Lipolytic protein G-D-S-L family'
2 non-polymer 'TETRAETHYLENE GLYCOL'
3 non-polymer 'CHLORIDE ION'
4 non-polymer 'FORMIC ACID'
5 water water
#
_entity_poly.entity_id   1
_entity_poly.type   'polypeptide(L)'
_entity_poly.pdbx_seq_one_letter_code
;SNAKELTWVAIGDSITYLNDHLDETGNRVSKGYLTRLNEILPNLKYINQGHNGWTSGGIAGNIDSLGLIKADVYSVFLGT
NDWWQGRPVGKLDDYQHDNGNTTVYGSFRIIISKIRQLNPEAKIVLITP(MSE)QRNDFVYIADAKNNAFGSYQKKNGQT
LEEFANAVLTIGRYEQIPVVDLYHHPLLTLRN(MSE)VKFKHLKNPKNGKYVNYKYPAFVNIPFNPENNEYPYPPAAVNL
TYDGLHPSDKGNAIIASALADVFRQLGLSPHYGL
;
_entity_poly.pdbx_strand_id   A,B
#
# COMPACT_ATOMS: atom_id res chain seq x y z
N ALA A 3 -35.07 -15.27 -33.40
CA ALA A 3 -35.34 -14.33 -32.33
C ALA A 3 -34.05 -13.61 -31.88
N LYS A 4 -33.09 -13.54 -32.79
CA LYS A 4 -31.79 -12.87 -32.55
C LYS A 4 -30.99 -13.46 -31.39
N GLU A 5 -31.22 -14.72 -31.04
CA GLU A 5 -30.54 -15.33 -29.90
C GLU A 5 -29.04 -15.37 -30.08
N LEU A 6 -28.33 -14.85 -29.08
CA LEU A 6 -26.87 -14.88 -29.07
C LEU A 6 -26.37 -15.44 -27.74
N THR A 7 -25.43 -16.37 -27.82
CA THR A 7 -24.79 -16.91 -26.64
C THR A 7 -23.63 -16.00 -26.24
N TRP A 8 -23.65 -15.56 -24.99
CA TRP A 8 -22.66 -14.62 -24.48
C TRP A 8 -21.92 -15.25 -23.31
N VAL A 9 -20.63 -15.49 -23.47
CA VAL A 9 -19.78 -15.98 -22.40
C VAL A 9 -19.15 -14.80 -21.68
N ALA A 10 -19.45 -14.68 -20.39
CA ALA A 10 -18.91 -13.62 -19.57
C ALA A 10 -17.75 -14.15 -18.74
N ILE A 11 -16.54 -13.81 -19.14
CA ILE A 11 -15.34 -14.25 -18.42
C ILE A 11 -15.01 -13.19 -17.39
N GLY A 12 -14.72 -13.63 -16.18
CA GLY A 12 -14.42 -12.65 -15.15
C GLY A 12 -13.99 -13.24 -13.83
N ASP A 13 -14.00 -12.39 -12.81
CA ASP A 13 -13.63 -12.76 -11.45
C ASP A 13 -14.90 -12.77 -10.56
N SER A 14 -14.79 -12.39 -9.30
CA SER A 14 -15.94 -12.43 -8.41
C SER A 14 -17.05 -11.50 -8.85
N ILE A 15 -16.70 -10.36 -9.43
CA ILE A 15 -17.73 -9.41 -9.86
C ILE A 15 -18.69 -10.05 -10.87
N THR A 16 -18.18 -10.99 -11.66
CA THR A 16 -18.97 -11.75 -12.62
C THR A 16 -19.59 -12.98 -11.96
N TYR A 17 -18.76 -13.74 -11.25
CA TYR A 17 -19.20 -14.92 -10.52
C TYR A 17 -20.46 -14.69 -9.67
N LEU A 18 -20.47 -13.57 -8.94
CA LEU A 18 -21.51 -13.31 -7.95
C LEU A 18 -22.90 -13.10 -8.55
N ASN A 19 -22.97 -12.89 -9.87
CA ASN A 19 -24.27 -12.74 -10.54
C ASN A 19 -25.20 -13.91 -10.22
N ASP A 20 -24.62 -15.09 -10.05
CA ASP A 20 -25.41 -16.30 -9.85
C ASP A 20 -25.23 -16.92 -8.47
N HIS A 21 -24.62 -16.15 -7.57
CA HIS A 21 -24.39 -16.61 -6.20
C HIS A 21 -24.64 -15.47 -5.25
N LEU A 22 -25.87 -14.97 -5.25
CA LEU A 22 -26.20 -13.79 -4.47
C LEU A 22 -26.13 -14.04 -2.97
N ASP A 23 -26.24 -15.30 -2.55
CA ASP A 23 -26.05 -15.65 -1.15
C ASP A 23 -24.66 -15.24 -0.65
N GLU A 24 -23.68 -15.26 -1.56
CA GLU A 24 -22.30 -14.90 -1.18
C GLU A 24 -22.11 -13.39 -1.04
N THR A 25 -23.10 -12.60 -1.46
CA THR A 25 -23.11 -11.17 -1.15
C THR A 25 -23.78 -10.90 0.19
N GLY A 26 -24.16 -11.95 0.91
CA GLY A 26 -24.95 -11.78 2.11
C GLY A 26 -26.36 -11.32 1.77
N ASN A 27 -26.77 -11.63 0.54
CA ASN A 27 -28.04 -11.17 -0.01
C ASN A 27 -28.19 -9.65 -0.03
N ARG A 28 -27.07 -8.95 -0.07
CA ARG A 28 -27.07 -7.49 -0.23
C ARG A 28 -27.42 -7.10 -1.66
N VAL A 29 -27.24 -8.04 -2.58
CA VAL A 29 -27.50 -7.82 -4.00
C VAL A 29 -28.65 -8.70 -4.48
N SER A 30 -29.54 -8.15 -5.30
CA SER A 30 -30.66 -8.93 -5.82
C SER A 30 -30.52 -9.27 -7.31
N LYS A 31 -29.77 -8.46 -8.04
CA LYS A 31 -29.53 -8.73 -9.46
C LYS A 31 -28.13 -8.30 -9.85
N GLY A 32 -27.35 -9.24 -10.38
CA GLY A 32 -26.00 -8.96 -10.84
C GLY A 32 -25.98 -8.36 -12.23
N TYR A 33 -24.79 -8.07 -12.76
CA TYR A 33 -24.74 -7.34 -14.03
C TYR A 33 -25.08 -8.19 -15.26
N LEU A 34 -24.90 -9.51 -15.17
CA LEU A 34 -25.29 -10.39 -16.28
C LEU A 34 -26.80 -10.43 -16.42
N THR A 35 -27.46 -10.60 -15.28
CA THR A 35 -28.92 -10.62 -15.21
C THR A 35 -29.49 -9.30 -15.72
N ARG A 36 -28.91 -8.19 -15.27
CA ARG A 36 -29.38 -6.87 -15.68
CA ARG A 36 -29.39 -6.88 -15.69
C ARG A 36 -29.13 -6.61 -17.17
N LEU A 37 -27.98 -7.06 -17.67
CA LEU A 37 -27.71 -6.92 -19.11
C LEU A 37 -28.80 -7.63 -19.91
N ASN A 38 -29.08 -8.87 -19.52
CA ASN A 38 -30.11 -9.64 -20.21
C ASN A 38 -31.49 -8.99 -20.16
N GLU A 39 -31.81 -8.27 -19.08
CA GLU A 39 -33.09 -7.56 -19.05
C GLU A 39 -33.14 -6.47 -20.11
N ILE A 40 -32.01 -5.80 -20.33
CA ILE A 40 -31.93 -4.75 -21.33
C ILE A 40 -31.92 -5.34 -22.74
N LEU A 41 -31.14 -6.40 -22.93
CA LEU A 41 -31.02 -7.08 -24.21
C LEU A 41 -31.40 -8.56 -24.05
N PRO A 42 -32.71 -8.84 -24.15
CA PRO A 42 -33.24 -10.17 -23.80
C PRO A 42 -32.80 -11.30 -24.73
N ASN A 43 -32.25 -10.97 -25.89
CA ASN A 43 -31.73 -11.98 -26.80
C ASN A 43 -30.33 -12.46 -26.43
N LEU A 44 -29.71 -11.82 -25.45
CA LEU A 44 -28.35 -12.19 -25.02
C LEU A 44 -28.45 -13.21 -23.89
N LYS A 45 -27.94 -14.42 -24.17
CA LYS A 45 -28.05 -15.51 -23.23
C LYS A 45 -26.71 -15.77 -22.56
N TYR A 46 -26.59 -15.36 -21.30
CA TYR A 46 -25.30 -15.40 -20.63
C TYR A 46 -24.85 -16.77 -20.17
N ILE A 47 -23.54 -16.96 -20.21
CA ILE A 47 -22.90 -18.08 -19.55
C ILE A 47 -21.90 -17.47 -18.59
N ASN A 48 -22.03 -17.83 -17.32
CA ASN A 48 -21.20 -17.26 -16.27
C ASN A 48 -19.85 -17.97 -16.17
N GLN A 49 -18.82 -17.34 -16.73
CA GLN A 49 -17.46 -17.82 -16.59
C GLN A 49 -16.66 -16.88 -15.69
N GLY A 50 -17.32 -16.42 -14.64
CA GLY A 50 -16.67 -15.68 -13.59
C GLY A 50 -16.13 -16.65 -12.57
N HIS A 51 -14.88 -16.46 -12.18
CA HIS A 51 -14.23 -17.34 -11.22
C HIS A 51 -13.83 -16.56 -9.99
N ASN A 52 -14.41 -16.95 -8.86
CA ASN A 52 -14.32 -16.20 -7.61
C ASN A 52 -12.88 -16.07 -7.15
N GLY A 53 -12.38 -14.84 -7.08
CA GLY A 53 -11.06 -14.60 -6.57
C GLY A 53 -9.93 -14.71 -7.58
N TRP A 54 -10.24 -15.05 -8.83
CA TRP A 54 -9.17 -15.30 -9.78
C TRP A 54 -8.58 -14.04 -10.42
N THR A 55 -7.31 -14.14 -10.77
CA THR A 55 -6.64 -13.12 -11.55
C THR A 55 -6.75 -13.46 -13.03
N SER A 56 -6.40 -12.50 -13.90
CA SER A 56 -6.27 -12.84 -15.32
C SER A 56 -5.20 -13.91 -15.52
N GLY A 57 -4.20 -13.93 -14.65
CA GLY A 57 -3.18 -14.96 -14.66
C GLY A 57 -3.76 -16.35 -14.42
N GLY A 58 -4.65 -16.48 -13.44
CA GLY A 58 -5.32 -17.75 -13.19
C GLY A 58 -6.23 -18.19 -14.33
N ILE A 59 -7.00 -17.23 -14.87
CA ILE A 59 -7.84 -17.53 -16.01
C ILE A 59 -6.99 -18.04 -17.19
N ALA A 60 -5.96 -17.27 -17.54
CA ALA A 60 -5.09 -17.62 -18.65
C ALA A 60 -4.37 -18.95 -18.40
N GLY A 61 -3.91 -19.15 -17.16
CA GLY A 61 -3.15 -20.35 -16.81
C GLY A 61 -3.98 -21.61 -16.84
N ASN A 62 -5.30 -21.47 -16.75
CA ASN A 62 -6.20 -22.62 -16.76
C ASN A 62 -7.12 -22.59 -17.96
N ILE A 63 -6.74 -21.81 -18.97
CA ILE A 63 -7.63 -21.45 -20.06
C ILE A 63 -8.23 -22.64 -20.83
N ASP A 64 -7.51 -23.76 -20.90
CA ASP A 64 -7.99 -24.92 -21.64
C ASP A 64 -8.83 -25.86 -20.78
N SER A 65 -8.98 -25.52 -19.49
CA SER A 65 -9.64 -26.40 -18.54
C SER A 65 -10.88 -25.79 -17.89
N LEU A 66 -11.38 -24.70 -18.46
CA LEU A 66 -12.50 -23.98 -17.87
C LEU A 66 -13.86 -24.44 -18.40
N GLY A 67 -13.85 -25.29 -19.42
CA GLY A 67 -15.09 -25.68 -20.06
C GLY A 67 -15.65 -24.57 -20.94
N LEU A 68 -14.79 -23.65 -21.37
CA LEU A 68 -15.23 -22.61 -22.30
C LEU A 68 -15.78 -23.24 -23.56
N ILE A 69 -16.91 -22.72 -24.03
CA ILE A 69 -17.50 -23.24 -25.25
C ILE A 69 -17.54 -22.18 -26.35
N LYS A 70 -17.88 -22.62 -27.56
CA LYS A 70 -18.06 -21.72 -28.67
C LYS A 70 -19.30 -20.86 -28.44
N ALA A 71 -19.15 -19.56 -28.62
CA ALA A 71 -20.23 -18.61 -28.38
C ALA A 71 -20.13 -17.44 -29.33
N ASP A 72 -21.16 -16.59 -29.35
CA ASP A 72 -21.26 -15.53 -30.33
C ASP A 72 -20.52 -14.28 -29.89
N VAL A 73 -20.47 -14.06 -28.57
CA VAL A 73 -19.77 -12.91 -28.02
C VAL A 73 -19.16 -13.29 -26.69
N TYR A 74 -17.96 -12.76 -26.44
CA TYR A 74 -17.26 -12.96 -25.18
C TYR A 74 -16.96 -11.61 -24.57
N SER A 75 -17.21 -11.46 -23.27
CA SER A 75 -16.68 -10.32 -22.54
C SER A 75 -15.62 -10.79 -21.57
N VAL A 76 -14.63 -9.94 -21.32
CA VAL A 76 -13.57 -10.25 -20.38
C VAL A 76 -13.46 -9.11 -19.37
N PHE A 77 -13.66 -9.45 -18.11
CA PHE A 77 -13.74 -8.46 -17.04
C PHE A 77 -12.80 -8.93 -15.93
N LEU A 78 -11.53 -8.58 -16.06
CA LEU A 78 -10.47 -9.08 -15.19
C LEU A 78 -9.46 -8.00 -14.89
N GLY A 79 -8.74 -8.15 -13.79
CA GLY A 79 -7.62 -7.30 -13.51
C GLY A 79 -7.56 -6.80 -12.08
N THR A 80 -8.71 -6.67 -11.43
CA THR A 80 -8.71 -6.13 -10.07
C THR A 80 -7.94 -7.03 -9.10
N ASN A 81 -8.04 -8.34 -9.29
CA ASN A 81 -7.30 -9.24 -8.42
C ASN A 81 -5.81 -9.29 -8.77
N ASP A 82 -5.48 -9.13 -10.05
CA ASP A 82 -4.10 -8.99 -10.47
C ASP A 82 -3.44 -7.81 -9.78
N TRP A 83 -4.15 -6.69 -9.75
CA TRP A 83 -3.66 -5.50 -9.05
C TRP A 83 -3.40 -5.79 -7.58
N TRP A 84 -4.38 -6.36 -6.89
CA TRP A 84 -4.22 -6.60 -5.47
C TRP A 84 -3.07 -7.56 -5.19
N GLN A 85 -2.85 -8.52 -6.09
CA GLN A 85 -1.80 -9.51 -5.87
C GLN A 85 -0.44 -9.00 -6.32
N GLY A 86 -0.39 -7.82 -6.93
CA GLY A 86 0.87 -7.22 -7.33
C GLY A 86 1.47 -7.82 -8.59
N ARG A 87 0.65 -8.45 -9.43
CA ARG A 87 1.14 -9.00 -10.71
C ARG A 87 1.59 -7.88 -11.61
N PRO A 88 2.73 -8.03 -12.28
CA PRO A 88 3.17 -6.97 -13.18
C PRO A 88 2.22 -6.79 -14.35
N VAL A 89 1.90 -5.54 -14.63
CA VAL A 89 1.04 -5.20 -15.75
C VAL A 89 1.71 -5.61 -17.06
N GLY A 90 3.00 -5.34 -17.17
CA GLY A 90 3.72 -5.60 -18.39
C GLY A 90 3.58 -4.48 -19.41
N LYS A 91 3.89 -4.79 -20.67
CA LYS A 91 3.82 -3.82 -21.73
C LYS A 91 3.16 -4.44 -22.95
N LEU A 92 2.81 -3.63 -23.94
CA LEU A 92 2.13 -4.15 -25.12
C LEU A 92 2.92 -5.27 -25.81
N ASP A 93 4.26 -5.21 -25.72
CA ASP A 93 5.11 -6.27 -26.25
C ASP A 93 4.76 -7.66 -25.70
N ASP A 94 4.32 -7.69 -24.44
CA ASP A 94 3.90 -8.94 -23.80
C ASP A 94 2.57 -9.46 -24.36
N TYR A 95 1.79 -8.56 -24.96
CA TYR A 95 0.57 -8.97 -25.63
C TYR A 95 0.88 -9.41 -27.06
N GLN A 96 1.80 -8.71 -27.70
CA GLN A 96 2.13 -8.98 -29.11
C GLN A 96 2.90 -10.27 -29.29
N HIS A 97 3.72 -10.60 -28.30
CA HIS A 97 4.60 -11.76 -28.37
C HIS A 97 4.43 -12.66 -27.17
N ASP A 98 4.76 -13.94 -27.35
CA ASP A 98 4.62 -14.93 -26.30
C ASP A 98 5.82 -14.89 -25.35
N ASN A 99 5.69 -14.10 -24.29
CA ASN A 99 6.70 -14.05 -23.25
C ASN A 99 6.24 -14.81 -22.01
N GLY A 100 5.25 -15.68 -22.20
CA GLY A 100 4.69 -16.44 -21.10
C GLY A 100 3.58 -15.73 -20.37
N ASN A 101 2.89 -16.47 -19.51
CA ASN A 101 1.80 -15.94 -18.70
C ASN A 101 2.32 -15.21 -17.46
N THR A 102 3.14 -14.17 -17.69
CA THR A 102 3.91 -13.56 -16.62
C THR A 102 3.53 -12.11 -16.33
N THR A 103 2.64 -11.57 -17.16
CA THR A 103 2.15 -10.21 -17.00
C THR A 103 0.68 -10.20 -17.37
N VAL A 104 0.00 -9.11 -17.03
CA VAL A 104 -1.40 -8.92 -17.39
C VAL A 104 -1.58 -8.89 -18.91
N TYR A 105 -0.76 -8.11 -19.60
CA TYR A 105 -0.79 -8.09 -21.05
C TYR A 105 -0.62 -9.51 -21.64
N GLY A 106 0.31 -10.29 -21.06
CA GLY A 106 0.51 -11.67 -21.48
C GLY A 106 -0.73 -12.53 -21.28
N SER A 107 -1.38 -12.39 -20.12
CA SER A 107 -2.59 -13.15 -19.83
C SER A 107 -3.69 -12.83 -20.82
N PHE A 108 -3.81 -11.56 -21.18
CA PHE A 108 -4.85 -11.18 -22.13
C PHE A 108 -4.56 -11.74 -23.51
N ARG A 109 -3.29 -11.85 -23.85
CA ARG A 109 -2.89 -12.50 -25.11
C ARG A 109 -3.40 -13.94 -25.14
N ILE A 110 -3.18 -14.67 -24.05
CA ILE A 110 -3.63 -16.05 -23.92
C ILE A 110 -5.15 -16.16 -24.00
N ILE A 111 -5.84 -15.29 -23.28
CA ILE A 111 -7.29 -15.33 -23.22
C ILE A 111 -7.93 -14.98 -24.57
N ILE A 112 -7.48 -13.89 -25.19
CA ILE A 112 -8.04 -13.51 -26.48
C ILE A 112 -7.72 -14.54 -27.55
N SER A 113 -6.53 -15.13 -27.49
CA SER A 113 -6.17 -16.18 -28.43
C SER A 113 -7.09 -17.40 -28.30
N LYS A 114 -7.41 -17.77 -27.05
CA LYS A 114 -8.31 -18.91 -26.82
C LYS A 114 -9.70 -18.63 -27.40
N ILE A 115 -10.19 -17.41 -27.16
CA ILE A 115 -11.50 -17.03 -27.68
C ILE A 115 -11.55 -17.18 -29.20
N ARG A 116 -10.51 -16.70 -29.87
CA ARG A 116 -10.45 -16.76 -31.32
C ARG A 116 -10.31 -18.20 -31.82
N GLN A 117 -9.68 -19.06 -31.03
CA GLN A 117 -9.62 -20.49 -31.33
C GLN A 117 -11.02 -21.10 -31.23
N LEU A 118 -11.75 -20.74 -30.18
CA LEU A 118 -13.10 -21.25 -29.94
C LEU A 118 -14.07 -20.78 -31.04
N ASN A 119 -13.99 -19.51 -31.38
CA ASN A 119 -14.80 -18.96 -32.44
C ASN A 119 -14.14 -17.72 -33.05
N PRO A 120 -13.46 -17.89 -34.20
CA PRO A 120 -12.80 -16.75 -34.83
C PRO A 120 -13.78 -15.65 -35.27
N GLU A 121 -15.08 -15.96 -35.28
CA GLU A 121 -16.10 -14.99 -35.69
C GLU A 121 -16.78 -14.28 -34.53
N ALA A 122 -16.51 -14.72 -33.32
CA ALA A 122 -17.16 -14.14 -32.14
C ALA A 122 -16.75 -12.70 -31.88
N LYS A 123 -17.71 -11.90 -31.41
CA LYS A 123 -17.39 -10.56 -30.93
C LYS A 123 -16.72 -10.63 -29.57
N ILE A 124 -15.81 -9.69 -29.33
CA ILE A 124 -15.12 -9.60 -28.05
C ILE A 124 -15.27 -8.20 -27.46
N VAL A 125 -15.56 -8.15 -26.17
CA VAL A 125 -15.60 -6.88 -25.45
C VAL A 125 -14.74 -7.02 -24.18
N LEU A 126 -13.88 -6.03 -23.93
CA LEU A 126 -13.11 -6.00 -22.69
C LEU A 126 -13.72 -4.98 -21.75
N ILE A 127 -13.62 -5.25 -20.44
CA ILE A 127 -14.15 -4.35 -19.43
C ILE A 127 -13.04 -3.99 -18.45
N THR A 128 -12.75 -2.70 -18.28
CA THR A 128 -11.71 -2.30 -17.33
C THR A 128 -12.14 -2.54 -15.89
N PRO A 129 -11.17 -2.76 -14.99
CA PRO A 129 -11.58 -2.86 -13.59
C PRO A 129 -12.27 -1.59 -13.11
N GLN A 131 -13.00 1.10 -10.09
CA GLN A 131 -12.32 1.55 -8.89
C GLN A 131 -12.87 0.79 -7.69
N ARG A 132 -12.08 0.73 -6.63
CA ARG A 132 -12.48 0.00 -5.45
C ARG A 132 -12.02 0.74 -4.21
N ASN A 133 -12.88 0.80 -3.20
CA ASN A 133 -12.43 1.35 -1.93
C ASN A 133 -11.96 0.23 -1.02
N ASP A 134 -11.73 0.54 0.26
CA ASP A 134 -11.31 -0.49 1.20
C ASP A 134 -12.30 -1.64 1.16
N PHE A 135 -11.77 -2.85 0.95
CA PHE A 135 -12.60 -4.05 0.88
C PHE A 135 -12.52 -4.82 2.18
N VAL A 136 -13.67 -5.25 2.68
CA VAL A 136 -13.72 -6.19 3.81
C VAL A 136 -14.69 -7.31 3.46
N TYR A 137 -14.19 -8.55 3.43
CA TYR A 137 -15.00 -9.69 3.04
C TYR A 137 -16.14 -9.95 4.03
N ILE A 138 -17.36 -10.01 3.50
CA ILE A 138 -18.55 -10.14 4.33
C ILE A 138 -18.59 -11.45 5.13
N ALA A 139 -17.91 -12.48 4.64
CA ALA A 139 -17.93 -13.78 5.32
C ALA A 139 -16.72 -13.99 6.23
N ASP A 140 -15.75 -13.08 6.15
CA ASP A 140 -14.53 -13.17 6.97
C ASP A 140 -13.75 -11.87 6.88
N ALA A 141 -13.92 -11.01 7.88
CA ALA A 141 -13.33 -9.68 7.87
C ALA A 141 -11.80 -9.64 7.93
N LYS A 142 -11.17 -10.78 8.24
CA LYS A 142 -9.72 -10.89 8.21
C LYS A 142 -9.20 -10.85 6.79
N ASN A 143 -10.10 -11.14 5.84
CA ASN A 143 -9.83 -10.97 4.43
C ASN A 143 -10.23 -9.56 4.06
N ASN A 144 -9.24 -8.71 3.90
CA ASN A 144 -9.49 -7.32 3.57
C ASN A 144 -8.37 -6.72 2.72
N ALA A 145 -8.61 -5.54 2.16
CA ALA A 145 -7.65 -4.91 1.25
C ALA A 145 -7.89 -3.42 1.22
N PHE A 146 -6.85 -2.64 0.98
CA PHE A 146 -7.02 -1.21 0.85
C PHE A 146 -7.52 -0.82 -0.54
N GLY A 147 -8.06 0.40 -0.65
CA GLY A 147 -8.66 0.85 -1.89
C GLY A 147 -7.67 1.34 -2.94
N SER A 148 -8.16 1.62 -4.13
CA SER A 148 -7.28 1.96 -5.26
C SER A 148 -6.77 3.40 -5.22
N TYR A 149 -7.05 4.12 -4.14
CA TYR A 149 -6.39 5.40 -3.87
C TYR A 149 -4.89 5.20 -3.52
N GLN A 150 -4.49 3.96 -3.22
CA GLN A 150 -3.12 3.66 -2.85
C GLN A 150 -2.52 2.66 -3.85
N LYS A 151 -1.21 2.75 -4.07
CA LYS A 151 -0.52 1.79 -4.92
C LYS A 151 -0.36 0.45 -4.21
N LYS A 152 -0.35 -0.62 -4.99
CA LYS A 152 -0.03 -1.93 -4.45
C LYS A 152 1.18 -2.41 -5.22
N ASN A 153 2.25 -2.70 -4.49
CA ASN A 153 3.50 -3.13 -5.12
CA ASN A 153 3.51 -3.12 -5.11
C ASN A 153 3.94 -2.18 -6.24
N GLY A 154 3.79 -0.88 -6.00
CA GLY A 154 4.26 0.11 -6.94
C GLY A 154 3.39 0.32 -8.16
N GLN A 155 2.20 -0.27 -8.17
CA GLN A 155 1.29 -0.12 -9.31
C GLN A 155 -0.06 0.42 -8.88
N THR A 156 -0.62 1.33 -9.69
CA THR A 156 -1.99 1.78 -9.46
C THR A 156 -2.95 0.89 -10.21
N LEU A 157 -4.19 0.83 -9.75
CA LEU A 157 -5.21 0.07 -10.44
C LEU A 157 -5.46 0.70 -11.81
N GLU A 158 -5.29 2.01 -11.90
CA GLU A 158 -5.46 2.69 -13.17
C GLU A 158 -4.55 2.13 -14.27
N GLU A 159 -3.35 1.70 -13.89
CA GLU A 159 -2.45 1.10 -14.87
C GLU A 159 -3.05 -0.14 -15.52
N PHE A 160 -3.80 -0.90 -14.72
CA PHE A 160 -4.48 -2.10 -15.20
C PHE A 160 -5.61 -1.72 -16.16
N ALA A 161 -6.38 -0.70 -15.82
CA ALA A 161 -7.40 -0.20 -16.72
C ALA A 161 -6.77 0.28 -18.02
N ASN A 162 -5.64 0.96 -17.92
CA ASN A 162 -4.98 1.49 -19.10
C ASN A 162 -4.44 0.38 -20.01
N ALA A 163 -3.94 -0.70 -19.41
CA ALA A 163 -3.52 -1.85 -20.19
C ALA A 163 -4.68 -2.43 -21.01
N VAL A 164 -5.82 -2.60 -20.36
CA VAL A 164 -7.01 -3.11 -21.05
C VAL A 164 -7.41 -2.16 -22.20
N LEU A 165 -7.40 -0.87 -21.92
CA LEU A 165 -7.70 0.13 -22.96
C LEU A 165 -6.72 0.02 -24.12
N THR A 166 -5.45 -0.15 -23.80
CA THR A 166 -4.41 -0.26 -24.82
C THR A 166 -4.61 -1.49 -25.70
N ILE A 167 -4.93 -2.63 -25.09
CA ILE A 167 -5.19 -3.85 -25.84
C ILE A 167 -6.41 -3.68 -26.74
N GLY A 168 -7.45 -3.04 -26.21
CA GLY A 168 -8.64 -2.74 -26.98
C GLY A 168 -8.32 -1.92 -28.22
N ARG A 169 -7.55 -0.85 -28.04
CA ARG A 169 -7.15 0.00 -29.15
C ARG A 169 -6.31 -0.77 -30.18
N TYR A 170 -5.41 -1.62 -29.70
CA TYR A 170 -4.53 -2.37 -30.58
C TYR A 170 -5.30 -3.37 -31.44
N GLU A 171 -6.27 -4.03 -30.83
CA GLU A 171 -7.03 -5.08 -31.51
C GLU A 171 -8.29 -4.55 -32.19
N GLN A 172 -8.58 -3.26 -31.99
CA GLN A 172 -9.84 -2.67 -32.40
C GLN A 172 -11.01 -3.43 -31.78
N ILE A 173 -10.87 -3.71 -30.49
CA ILE A 173 -11.89 -4.37 -29.70
C ILE A 173 -12.49 -3.34 -28.74
N PRO A 174 -13.83 -3.25 -28.71
CA PRO A 174 -14.45 -2.27 -27.81
C PRO A 174 -14.13 -2.54 -26.34
N VAL A 175 -14.00 -1.46 -25.57
CA VAL A 175 -13.72 -1.55 -24.15
C VAL A 175 -14.76 -0.77 -23.35
N VAL A 176 -15.38 -1.41 -22.38
CA VAL A 176 -16.22 -0.72 -21.41
C VAL A 176 -15.29 -0.18 -20.33
N ASP A 177 -15.14 1.13 -20.27
CA ASP A 177 -14.20 1.74 -19.32
C ASP A 177 -14.91 2.07 -18.01
N LEU A 178 -14.99 1.09 -17.11
CA LEU A 178 -15.57 1.36 -15.80
C LEU A 178 -14.66 2.23 -14.94
N TYR A 179 -13.34 2.07 -15.09
CA TYR A 179 -12.40 2.80 -14.25
C TYR A 179 -12.64 4.31 -14.36
N HIS A 180 -12.82 4.79 -15.59
CA HIS A 180 -13.00 6.21 -15.81
C HIS A 180 -14.47 6.63 -15.96
N HIS A 181 -15.39 5.73 -15.64
CA HIS A 181 -16.81 6.05 -15.70
C HIS A 181 -17.12 7.17 -14.71
N PRO A 182 -17.76 8.25 -15.19
CA PRO A 182 -17.98 9.41 -14.32
C PRO A 182 -18.85 9.12 -13.08
N LEU A 183 -19.62 8.04 -13.10
CA LEU A 183 -20.47 7.70 -11.95
C LEU A 183 -19.79 6.75 -10.96
N LEU A 184 -18.70 6.11 -11.38
CA LEU A 184 -18.08 5.07 -10.58
C LEU A 184 -16.85 5.56 -9.81
N THR A 185 -17.09 6.48 -8.88
CA THR A 185 -16.00 7.13 -8.15
C THR A 185 -15.77 6.55 -6.76
N LEU A 186 -14.55 6.69 -6.24
CA LEU A 186 -14.20 6.19 -4.91
C LEU A 186 -15.13 6.67 -3.81
N ARG A 187 -15.51 7.95 -3.87
CA ARG A 187 -16.35 8.54 -2.84
C ARG A 187 -17.73 7.88 -2.79
N ASN A 188 -18.11 7.20 -3.86
CA ASN A 188 -19.43 6.59 -3.95
C ASN A 188 -19.43 5.09 -3.77
N VAL A 190 -18.77 3.28 -0.88
CA VAL A 190 -19.49 2.97 0.36
C VAL A 190 -19.83 4.27 1.09
N LYS A 191 -20.93 4.27 1.85
CA LYS A 191 -21.36 5.48 2.57
C LYS A 191 -20.44 5.81 3.75
N PHE A 192 -19.97 4.77 4.44
CA PHE A 192 -19.12 4.94 5.60
C PHE A 192 -18.51 3.61 5.98
N LYS A 193 -17.51 3.67 6.86
CA LYS A 193 -16.96 2.50 7.51
C LYS A 193 -17.26 2.67 8.99
N HIS A 194 -17.86 1.63 9.58
CA HIS A 194 -18.31 1.62 10.96
C HIS A 194 -17.13 1.18 11.84
N LEU A 195 -16.50 2.13 12.51
CA LEU A 195 -15.22 1.85 13.18
C LEU A 195 -15.16 2.42 14.58
N LYS A 196 -14.39 1.76 15.43
CA LYS A 196 -14.08 2.31 16.75
C LYS A 196 -13.20 3.54 16.64
N ASN A 197 -13.56 4.58 17.39
CA ASN A 197 -12.77 5.78 17.51
C ASN A 197 -11.60 5.48 18.42
N PRO A 198 -10.35 5.62 17.93
CA PRO A 198 -9.19 5.28 18.77
C PRO A 198 -9.08 6.08 20.06
N LYS A 199 -9.73 7.24 20.13
CA LYS A 199 -9.64 8.08 21.32
C LYS A 199 -10.52 7.61 22.47
N ASN A 200 -11.56 6.85 22.17
CA ASN A 200 -12.52 6.48 23.21
C ASN A 200 -13.13 5.07 23.10
N GLY A 201 -12.82 4.37 22.01
CA GLY A 201 -13.31 3.01 21.83
C GLY A 201 -14.76 2.90 21.41
N LYS A 202 -15.40 4.04 21.13
CA LYS A 202 -16.81 4.04 20.72
C LYS A 202 -16.93 4.01 19.20
N TYR A 203 -18.01 3.38 18.71
CA TYR A 203 -18.23 3.30 17.27
C TYR A 203 -18.64 4.63 16.67
N VAL A 204 -18.08 4.91 15.49
CA VAL A 204 -18.35 6.12 14.72
C VAL A 204 -18.50 5.77 13.24
N ASN A 205 -19.43 6.43 12.55
CA ASN A 205 -19.54 6.33 11.10
C ASN A 205 -18.56 7.28 10.43
N TYR A 206 -17.50 6.72 9.84
CA TYR A 206 -16.51 7.52 9.13
C TYR A 206 -16.68 7.38 7.62
N LYS A 207 -17.09 8.45 6.95
CA LYS A 207 -17.15 8.40 5.50
C LYS A 207 -15.76 8.47 4.88
N TYR A 208 -15.68 8.33 3.57
CA TYR A 208 -14.43 8.53 2.85
C TYR A 208 -14.25 10.02 2.60
N PRO A 209 -13.02 10.55 2.73
CA PRO A 209 -11.76 9.84 2.99
C PRO A 209 -11.40 9.71 4.48
N ALA A 210 -12.22 10.14 5.40
CA ALA A 210 -11.88 10.02 6.80
C ALA A 210 -11.48 8.61 7.22
N PHE A 211 -12.19 7.63 6.73
CA PHE A 211 -11.96 6.26 7.16
C PHE A 211 -10.58 5.70 6.80
N VAL A 212 -9.91 6.31 5.86
CA VAL A 212 -8.56 5.89 5.52
C VAL A 212 -7.62 6.09 6.67
N ASN A 213 -7.94 7.02 7.55
CA ASN A 213 -7.09 7.37 8.68
C ASN A 213 -7.43 6.65 9.98
N ILE A 214 -8.47 5.82 9.95
CA ILE A 214 -8.91 5.14 11.18
C ILE A 214 -8.60 3.65 11.05
N PRO A 215 -7.90 3.08 12.05
CA PRO A 215 -7.56 1.66 11.98
C PRO A 215 -8.78 0.74 12.05
N PHE A 216 -8.75 -0.30 11.24
CA PHE A 216 -9.73 -1.38 11.34
C PHE A 216 -9.04 -2.65 11.82
N ASN A 217 -9.39 -3.08 13.02
CA ASN A 217 -8.92 -4.35 13.55
C ASN A 217 -10.08 -5.33 13.57
N PRO A 218 -10.04 -6.34 12.68
CA PRO A 218 -11.16 -7.27 12.51
C PRO A 218 -11.43 -8.14 13.76
N GLU A 219 -10.50 -8.15 14.70
CA GLU A 219 -10.69 -8.89 15.94
C GLU A 219 -11.33 -8.01 17.02
N ASN A 220 -11.20 -6.70 16.86
CA ASN A 220 -11.78 -5.75 17.81
C ASN A 220 -12.61 -4.69 17.08
N ASN A 221 -13.53 -5.15 16.23
CA ASN A 221 -14.41 -4.27 15.47
C ASN A 221 -15.45 -5.11 14.74
N GLU A 222 -16.72 -4.77 14.92
CA GLU A 222 -17.81 -5.41 14.18
C GLU A 222 -17.58 -5.19 12.68
N TYR A 223 -18.32 -5.94 11.85
CA TYR A 223 -18.18 -5.78 10.40
C TYR A 223 -18.43 -4.33 10.03
N PRO A 224 -17.46 -3.70 9.34
CA PRO A 224 -17.50 -2.24 9.19
C PRO A 224 -18.42 -1.72 8.09
N TYR A 225 -19.05 -2.61 7.33
CA TYR A 225 -20.00 -2.18 6.31
C TYR A 225 -21.41 -2.74 6.52
N PRO A 226 -22.15 -2.19 7.50
CA PRO A 226 -23.54 -2.61 7.70
C PRO A 226 -24.38 -2.21 6.48
N PRO A 227 -25.62 -2.70 6.37
CA PRO A 227 -26.47 -2.40 5.22
C PRO A 227 -26.54 -0.91 4.83
N ALA A 228 -26.57 -0.03 5.83
CA ALA A 228 -26.67 1.40 5.57
C ALA A 228 -25.45 1.97 4.82
N ALA A 229 -24.37 1.19 4.77
CA ALA A 229 -23.13 1.64 4.15
C ALA A 229 -23.10 1.40 2.63
N VAL A 230 -24.05 0.62 2.13
CA VAL A 230 -24.06 0.24 0.73
C VAL A 230 -24.23 1.46 -0.17
N ASN A 231 -23.39 1.59 -1.20
CA ASN A 231 -23.62 2.60 -2.23
C ASN A 231 -23.41 1.95 -3.60
N LEU A 232 -22.27 2.17 -4.23
CA LEU A 232 -21.98 1.48 -5.49
C LEU A 232 -21.51 0.04 -5.26
N THR A 233 -21.00 -0.22 -4.05
CA THR A 233 -20.59 -1.55 -3.61
C THR A 233 -21.22 -1.86 -2.27
N TYR A 234 -21.21 -3.13 -1.87
CA TYR A 234 -21.73 -3.51 -0.56
C TYR A 234 -20.60 -3.81 0.43
N ASP A 235 -19.36 -3.84 -0.06
CA ASP A 235 -18.21 -4.21 0.77
C ASP A 235 -16.93 -3.48 0.38
N GLY A 236 -17.06 -2.41 -0.42
CA GLY A 236 -15.90 -1.67 -0.86
C GLY A 236 -15.48 -2.03 -2.28
N LEU A 237 -15.82 -3.24 -2.71
CA LEU A 237 -15.26 -3.80 -3.94
C LEU A 237 -16.34 -4.33 -4.89
N HIS A 238 -17.24 -5.15 -4.36
CA HIS A 238 -18.21 -5.83 -5.21
C HIS A 238 -19.46 -4.99 -5.36
N PRO A 239 -19.90 -4.79 -6.61
CA PRO A 239 -21.04 -3.93 -6.89
C PRO A 239 -22.31 -4.27 -6.12
N SER A 240 -23.01 -3.21 -5.73
CA SER A 240 -24.38 -3.31 -5.25
C SER A 240 -25.32 -3.45 -6.44
N ASP A 241 -26.62 -3.48 -6.16
CA ASP A 241 -27.61 -3.43 -7.24
C ASP A 241 -27.38 -2.20 -8.11
N LYS A 242 -27.14 -1.05 -7.48
CA LYS A 242 -26.87 0.19 -8.19
C LYS A 242 -25.62 0.09 -9.06
N GLY A 243 -24.53 -0.42 -8.49
CA GLY A 243 -23.31 -0.61 -9.26
C GLY A 243 -23.53 -1.54 -10.45
N ASN A 244 -24.19 -2.67 -10.24
CA ASN A 244 -24.45 -3.61 -11.32
C ASN A 244 -25.32 -3.03 -12.43
N ALA A 245 -26.26 -2.15 -12.07
CA ALA A 245 -27.10 -1.49 -13.07
C ALA A 245 -26.27 -0.57 -13.97
N ILE A 246 -25.36 0.19 -13.38
CA ILE A 246 -24.50 1.08 -14.16
C ILE A 246 -23.58 0.27 -15.09
N ILE A 247 -22.98 -0.78 -14.56
CA ILE A 247 -22.15 -1.67 -15.39
C ILE A 247 -22.96 -2.27 -16.55
N ALA A 248 -24.13 -2.80 -16.24
CA ALA A 248 -24.94 -3.44 -17.28
C ALA A 248 -25.34 -2.45 -18.38
N SER A 249 -25.66 -1.21 -17.99
CA SER A 249 -26.03 -0.20 -18.96
CA SER A 249 -26.03 -0.20 -18.96
C SER A 249 -24.87 0.15 -19.90
N ALA A 250 -23.67 0.28 -19.32
CA ALA A 250 -22.48 0.58 -20.09
C ALA A 250 -22.18 -0.56 -21.07
N LEU A 251 -22.34 -1.79 -20.58
CA LEU A 251 -22.09 -2.96 -21.40
C LEU A 251 -23.12 -3.07 -22.52
N ALA A 252 -24.37 -2.78 -22.18
CA ALA A 252 -25.43 -2.83 -23.19
C ALA A 252 -25.18 -1.86 -24.34
N ASP A 253 -24.66 -0.66 -24.04
CA ASP A 253 -24.34 0.31 -25.08
C ASP A 253 -23.33 -0.24 -26.08
N VAL A 254 -22.30 -0.92 -25.56
CA VAL A 254 -21.28 -1.49 -26.42
C VAL A 254 -21.84 -2.65 -27.26
N PHE A 255 -22.63 -3.52 -26.63
CA PHE A 255 -23.27 -4.60 -27.36
C PHE A 255 -24.13 -4.04 -28.50
N ARG A 256 -24.86 -2.96 -28.23
CA ARG A 256 -25.65 -2.31 -29.27
C ARG A 256 -24.77 -1.83 -30.42
N GLN A 257 -23.66 -1.18 -30.09
CA GLN A 257 -22.77 -0.65 -31.12
C GLN A 257 -22.18 -1.76 -31.98
N LEU A 258 -22.03 -2.94 -31.39
CA LEU A 258 -21.52 -4.11 -32.09
C LEU A 258 -22.58 -4.78 -32.96
N GLY A 259 -23.81 -4.29 -32.88
CA GLY A 259 -24.91 -4.87 -33.66
C GLY A 259 -25.50 -6.12 -33.06
N LEU A 260 -25.45 -6.23 -31.73
CA LEU A 260 -25.93 -7.44 -31.04
C LEU A 260 -27.34 -7.30 -30.47
N SER A 261 -27.92 -6.11 -30.60
CA SER A 261 -29.26 -5.87 -30.06
C SER A 261 -30.36 -6.22 -31.07
N GLU B 5 41.32 10.52 9.35
CA GLU B 5 40.35 11.59 9.56
C GLU B 5 39.44 11.73 8.35
N LEU B 6 38.17 11.35 8.50
CA LEU B 6 37.22 11.37 7.39
C LEU B 6 35.94 12.10 7.75
N THR B 7 35.32 12.71 6.75
CA THR B 7 34.07 13.43 6.94
C THR B 7 32.88 12.51 6.63
N TRP B 8 31.91 12.48 7.55
CA TRP B 8 30.73 11.64 7.44
C TRP B 8 29.47 12.50 7.49
N VAL B 9 28.72 12.49 6.38
CA VAL B 9 27.45 13.19 6.34
C VAL B 9 26.33 12.21 6.61
N ALA B 10 25.59 12.48 7.67
CA ALA B 10 24.48 11.64 8.11
C ALA B 10 23.17 12.28 7.70
N ILE B 11 22.56 11.74 6.65
CA ILE B 11 21.28 12.23 6.17
C ILE B 11 20.18 11.43 6.86
N GLY B 12 19.17 12.14 7.37
CA GLY B 12 18.10 11.45 8.05
C GLY B 12 16.96 12.34 8.45
N ASP B 13 16.12 11.81 9.33
CA ASP B 13 14.97 12.49 9.87
C ASP B 13 15.24 12.82 11.35
N SER B 14 14.20 12.85 12.18
CA SER B 14 14.39 13.23 13.58
CA SER B 14 14.37 13.20 13.59
C SER B 14 15.38 12.34 14.33
N ILE B 15 15.44 11.06 13.97
CA ILE B 15 16.32 10.14 14.69
C ILE B 15 17.79 10.55 14.54
N THR B 16 18.12 11.16 13.41
CA THR B 16 19.43 11.72 13.14
C THR B 16 19.53 13.14 13.71
N TYR B 17 18.53 13.96 13.40
CA TYR B 17 18.46 15.35 13.84
C TYR B 17 18.71 15.49 15.34
N LEU B 18 18.05 14.66 16.14
CA LEU B 18 18.06 14.82 17.59
C LEU B 18 19.43 14.61 18.24
N ASN B 19 20.38 14.03 17.50
CA ASN B 19 21.73 13.87 18.03
C ASN B 19 22.30 15.17 18.61
N ASP B 20 21.97 16.28 17.96
CA ASP B 20 22.55 17.57 18.37
C ASP B 20 21.50 18.51 18.95
N HIS B 21 20.34 17.96 19.31
CA HIS B 21 19.25 18.74 19.88
C HIS B 21 18.56 17.97 20.98
N LEU B 22 19.35 17.61 22.00
CA LEU B 22 18.91 16.72 23.06
C LEU B 22 17.82 17.36 23.93
N ASP B 23 17.76 18.69 23.92
CA ASP B 23 16.71 19.39 24.62
C ASP B 23 15.34 18.98 24.08
N GLU B 24 15.28 18.65 22.79
CA GLU B 24 14.01 18.29 22.18
C GLU B 24 13.55 16.88 22.55
N THR B 25 14.43 16.11 23.17
CA THR B 25 14.06 14.82 23.75
C THR B 25 13.58 14.98 25.19
N GLY B 26 13.42 16.21 25.65
CA GLY B 26 13.05 16.44 27.03
C GLY B 26 14.23 16.11 27.93
N ASN B 27 15.43 16.15 27.34
CA ASN B 27 16.66 15.75 28.00
C ASN B 27 16.63 14.30 28.50
N ARG B 28 15.87 13.47 27.80
CA ARG B 28 15.82 12.05 28.14
C ARG B 28 16.99 11.28 27.56
N VAL B 29 17.63 11.88 26.56
CA VAL B 29 18.76 11.28 25.89
C VAL B 29 20.00 12.12 26.15
N SER B 30 21.11 11.46 26.46
CA SER B 30 22.38 12.15 26.73
C SER B 30 23.36 12.09 25.55
N LYS B 31 23.23 11.07 24.71
CA LYS B 31 24.09 10.90 23.54
C LYS B 31 23.32 10.26 22.39
N GLY B 32 23.31 10.92 21.24
CA GLY B 32 22.66 10.36 20.06
C GLY B 32 23.57 9.40 19.32
N TYR B 33 23.09 8.84 18.21
CA TYR B 33 23.86 7.80 17.53
C TYR B 33 25.08 8.34 16.74
N LEU B 34 25.08 9.61 16.34
CA LEU B 34 26.24 10.17 15.66
C LEU B 34 27.38 10.34 16.66
N THR B 35 27.04 10.92 17.80
CA THR B 35 28.02 11.11 18.88
C THR B 35 28.60 9.78 19.30
N ARG B 36 27.75 8.78 19.45
CA ARG B 36 28.22 7.46 19.88
C ARG B 36 29.07 6.77 18.83
N LEU B 37 28.71 6.92 17.56
CA LEU B 37 29.51 6.37 16.47
C LEU B 37 30.92 6.96 16.53
N ASN B 38 30.98 8.27 16.74
CA ASN B 38 32.25 8.96 16.77
C ASN B 38 33.11 8.55 17.98
N GLU B 39 32.47 8.16 19.08
CA GLU B 39 33.21 7.63 20.21
C GLU B 39 33.88 6.30 19.87
N ILE B 40 33.19 5.49 19.07
CA ILE B 40 33.73 4.21 18.62
C ILE B 40 34.81 4.42 17.55
N LEU B 41 34.54 5.34 16.64
CA LEU B 41 35.46 5.64 15.54
C LEU B 41 35.80 7.13 15.55
N PRO B 42 36.78 7.54 16.38
CA PRO B 42 37.11 8.95 16.60
C PRO B 42 37.59 9.67 15.34
N ASN B 43 38.02 8.92 14.34
CA ASN B 43 38.50 9.51 13.09
C ASN B 43 37.37 10.02 12.20
N LEU B 44 36.14 9.63 12.51
CA LEU B 44 35.00 10.06 11.71
C LEU B 44 34.31 11.27 12.31
N LYS B 45 34.36 12.38 11.57
CA LYS B 45 33.72 13.61 12.01
C LYS B 45 32.36 13.75 11.34
N TYR B 46 31.31 13.78 12.14
CA TYR B 46 29.97 13.78 11.59
C TYR B 46 29.47 15.17 11.21
N ILE B 47 28.60 15.19 10.20
CA ILE B 47 27.83 16.35 9.85
C ILE B 47 26.37 15.93 9.92
N ASN B 48 25.59 16.64 10.74
CA ASN B 48 24.20 16.28 10.98
C ASN B 48 23.30 16.85 9.90
N GLN B 49 22.89 15.99 8.97
CA GLN B 49 21.91 16.36 7.96
C GLN B 49 20.60 15.62 8.22
N GLY B 50 20.24 15.56 9.49
CA GLY B 50 18.94 15.05 9.89
C GLY B 50 17.96 16.20 9.90
N HIS B 51 16.76 15.96 9.34
CA HIS B 51 15.74 16.99 9.26
C HIS B 51 14.50 16.52 9.97
N ASN B 52 14.14 17.25 11.03
CA ASN B 52 13.09 16.84 11.96
C ASN B 52 11.73 16.74 11.25
N GLY B 53 11.14 15.55 11.27
CA GLY B 53 9.83 15.36 10.69
C GLY B 53 9.77 15.08 9.19
N TRP B 54 10.93 15.09 8.53
CA TRP B 54 10.93 14.99 7.07
C TRP B 54 10.83 13.57 6.56
N THR B 55 10.19 13.43 5.40
CA THR B 55 10.19 12.18 4.66
C THR B 55 11.37 12.14 3.68
N SER B 56 11.62 10.96 3.11
CA SER B 56 12.59 10.87 2.02
C SER B 56 12.15 11.73 0.85
N GLY B 57 10.84 11.89 0.69
CA GLY B 57 10.29 12.78 -0.32
C GLY B 57 10.68 14.24 -0.12
N GLY B 58 10.63 14.69 1.13
CA GLY B 58 11.03 16.05 1.45
C GLY B 58 12.53 16.26 1.27
N ILE B 59 13.32 15.27 1.67
CA ILE B 59 14.76 15.34 1.47
C ILE B 59 15.08 15.42 -0.02
N ALA B 60 14.50 14.50 -0.79
CA ALA B 60 14.70 14.48 -2.23
C ALA B 60 14.18 15.74 -2.93
N GLY B 61 13.04 16.23 -2.46
CA GLY B 61 12.41 17.39 -3.07
C GLY B 61 13.14 18.69 -2.79
N ASN B 62 14.04 18.68 -1.81
CA ASN B 62 14.83 19.85 -1.45
C ASN B 62 16.33 19.55 -1.53
N ILE B 63 16.67 18.55 -2.32
CA ILE B 63 18.00 17.94 -2.32
C ILE B 63 19.14 18.90 -2.62
N ASP B 64 18.86 19.94 -3.41
CA ASP B 64 19.90 20.90 -3.79
C ASP B 64 19.93 22.10 -2.86
N SER B 65 19.03 22.14 -1.89
CA SER B 65 18.88 23.30 -1.01
C SER B 65 19.27 23.00 0.44
N LEU B 66 19.85 21.83 0.69
CA LEU B 66 20.15 21.41 2.06
C LEU B 66 21.53 21.83 2.55
N GLY B 67 22.40 22.28 1.66
CA GLY B 67 23.76 22.59 2.04
C GLY B 67 24.62 21.35 2.13
N LEU B 68 24.23 20.29 1.41
CA LEU B 68 25.04 19.08 1.38
C LEU B 68 26.42 19.38 0.81
N ILE B 69 27.45 18.86 1.46
CA ILE B 69 28.80 19.07 0.98
C ILE B 69 29.46 17.76 0.61
N LYS B 70 30.60 17.87 -0.04
CA LYS B 70 31.43 16.73 -0.38
C LYS B 70 32.00 16.11 0.89
N ALA B 71 31.88 14.79 1.01
CA ALA B 71 32.37 14.08 2.19
C ALA B 71 32.83 12.68 1.80
N ASP B 72 33.46 11.98 2.74
CA ASP B 72 34.05 10.68 2.47
C ASP B 72 33.05 9.54 2.58
N VAL B 73 32.06 9.71 3.44
CA VAL B 73 31.00 8.72 3.60
C VAL B 73 29.69 9.41 3.89
N TYR B 74 28.62 8.84 3.34
CA TYR B 74 27.27 9.33 3.56
C TYR B 74 26.44 8.18 4.10
N SER B 75 25.66 8.42 5.15
CA SER B 75 24.64 7.46 5.54
C SER B 75 23.28 8.07 5.27
N VAL B 76 22.30 7.23 4.94
CA VAL B 76 20.95 7.69 4.67
C VAL B 76 20.01 6.86 5.53
N PHE B 77 19.27 7.53 6.40
CA PHE B 77 18.43 6.90 7.42
C PHE B 77 17.04 7.55 7.35
N LEU B 78 16.23 7.09 6.42
CA LEU B 78 14.94 7.70 6.14
C LEU B 78 13.86 6.65 5.91
N GLY B 79 12.61 7.08 6.05
CA GLY B 79 11.50 6.22 5.67
C GLY B 79 10.39 6.14 6.69
N THR B 80 10.72 6.34 7.95
CA THR B 80 9.69 6.17 8.97
C THR B 80 8.59 7.23 8.82
N ASN B 81 8.96 8.44 8.40
CA ASN B 81 7.96 9.48 8.18
C ASN B 81 7.19 9.26 6.89
N ASP B 82 7.85 8.69 5.88
CA ASP B 82 7.15 8.33 4.66
C ASP B 82 6.04 7.35 4.99
N TRP B 83 6.36 6.39 5.85
CA TRP B 83 5.37 5.40 6.27
C TRP B 83 4.18 6.05 6.96
N TRP B 84 4.44 6.90 7.94
CA TRP B 84 3.34 7.51 8.67
C TRP B 84 2.49 8.42 7.78
N GLN B 85 3.11 9.03 6.77
CA GLN B 85 2.37 9.89 5.86
C GLN B 85 1.69 9.14 4.73
N GLY B 86 1.91 7.83 4.65
CA GLY B 86 1.23 7.01 3.66
C GLY B 86 1.78 7.13 2.25
N ARG B 87 3.01 7.62 2.11
CA ARG B 87 3.65 7.74 0.79
C ARG B 87 3.82 6.35 0.20
N PRO B 88 3.48 6.19 -1.09
CA PRO B 88 3.68 4.86 -1.71
C PRO B 88 5.16 4.48 -1.74
N VAL B 89 5.44 3.23 -1.37
CA VAL B 89 6.80 2.72 -1.41
C VAL B 89 7.34 2.75 -2.83
N GLY B 90 6.52 2.31 -3.79
CA GLY B 90 6.94 2.24 -5.17
C GLY B 90 7.52 0.88 -5.52
N LYS B 91 8.25 0.83 -6.62
CA LYS B 91 8.93 -0.38 -7.03
C LYS B 91 10.30 -0.03 -7.58
N LEU B 92 11.12 -1.04 -7.82
CA LEU B 92 12.51 -0.83 -8.20
C LEU B 92 12.63 -0.03 -9.50
N ASP B 93 11.65 -0.14 -10.39
CA ASP B 93 11.65 0.66 -11.62
C ASP B 93 11.67 2.18 -11.31
N ASP B 94 11.07 2.57 -10.19
CA ASP B 94 11.06 3.97 -9.78
C ASP B 94 12.44 4.42 -9.31
N TYR B 95 13.26 3.45 -8.92
CA TYR B 95 14.64 3.74 -8.56
C TYR B 95 15.53 3.81 -9.80
N GLN B 96 15.33 2.89 -10.74
CA GLN B 96 16.16 2.84 -11.94
C GLN B 96 15.82 3.89 -12.99
N HIS B 97 14.57 4.35 -12.99
CA HIS B 97 14.11 5.32 -13.98
C HIS B 97 13.54 6.56 -13.29
N ASP B 98 13.61 7.70 -13.98
CA ASP B 98 13.03 8.93 -13.45
C ASP B 98 11.51 8.95 -13.63
N ASN B 99 10.80 8.53 -12.59
CA ASN B 99 9.35 8.58 -12.58
C ASN B 99 8.84 9.68 -11.67
N GLY B 100 9.72 10.63 -11.35
CA GLY B 100 9.37 11.71 -10.44
C GLY B 100 9.57 11.35 -8.97
N ASN B 101 9.53 12.36 -8.13
CA ASN B 101 9.71 12.19 -6.69
C ASN B 101 8.41 11.79 -6.01
N THR B 102 7.85 10.67 -6.46
CA THR B 102 6.50 10.32 -6.08
C THR B 102 6.40 9.03 -5.26
N THR B 103 7.53 8.36 -5.06
CA THR B 103 7.57 7.14 -4.27
C THR B 103 8.85 7.13 -3.46
N VAL B 104 8.93 6.22 -2.51
CA VAL B 104 10.15 6.08 -1.73
C VAL B 104 11.33 5.67 -2.61
N TYR B 105 11.13 4.69 -3.49
CA TYR B 105 12.19 4.29 -4.41
C TYR B 105 12.66 5.48 -5.24
N GLY B 106 11.73 6.31 -5.70
CA GLY B 106 12.06 7.47 -6.50
C GLY B 106 12.87 8.49 -5.70
N SER B 107 12.49 8.69 -4.44
CA SER B 107 13.23 9.62 -3.59
C SER B 107 14.66 9.17 -3.37
N PHE B 108 14.85 7.86 -3.15
CA PHE B 108 16.18 7.32 -2.98
C PHE B 108 17.04 7.44 -4.23
N ARG B 109 16.43 7.33 -5.41
CA ARG B 109 17.15 7.60 -6.65
C ARG B 109 17.76 9.00 -6.64
N ILE B 110 16.94 9.98 -6.29
CA ILE B 110 17.38 11.38 -6.23
C ILE B 110 18.50 11.58 -5.22
N ILE B 111 18.33 11.01 -4.03
CA ILE B 111 19.30 11.17 -2.96
C ILE B 111 20.64 10.54 -3.29
N ILE B 112 20.63 9.28 -3.73
CA ILE B 112 21.87 8.58 -4.05
C ILE B 112 22.55 9.23 -5.26
N SER B 113 21.77 9.72 -6.21
CA SER B 113 22.34 10.42 -7.36
C SER B 113 23.05 11.71 -6.93
N LYS B 114 22.44 12.43 -5.99
CA LYS B 114 23.05 13.65 -5.46
C LYS B 114 24.37 13.33 -4.74
N ILE B 115 24.36 12.30 -3.92
CA ILE B 115 25.57 11.86 -3.23
C ILE B 115 26.69 11.57 -4.22
N ARG B 116 26.37 10.86 -5.29
CA ARG B 116 27.37 10.50 -6.29
C ARG B 116 27.85 11.71 -7.10
N GLN B 117 27.00 12.73 -7.22
CA GLN B 117 27.40 13.98 -7.86
C GLN B 117 28.41 14.70 -6.97
N LEU B 118 28.15 14.70 -5.68
CA LEU B 118 29.01 15.40 -4.73
C LEU B 118 30.37 14.70 -4.60
N ASN B 119 30.35 13.37 -4.57
CA ASN B 119 31.57 12.58 -4.49
C ASN B 119 31.34 11.18 -5.05
N PRO B 120 31.74 10.95 -6.32
CA PRO B 120 31.58 9.63 -6.95
C PRO B 120 32.34 8.51 -6.22
N GLU B 121 33.32 8.87 -5.39
CA GLU B 121 34.12 7.88 -4.68
C GLU B 121 33.67 7.69 -3.24
N ALA B 122 32.68 8.46 -2.80
CA ALA B 122 32.23 8.40 -1.43
C ALA B 122 31.63 7.03 -1.12
N LYS B 123 31.86 6.54 0.08
CA LYS B 123 31.14 5.36 0.57
C LYS B 123 29.72 5.78 0.93
N ILE B 124 28.79 4.86 0.74
CA ILE B 124 27.39 5.09 1.09
C ILE B 124 26.88 3.93 1.94
N VAL B 125 26.15 4.24 2.99
CA VAL B 125 25.48 3.22 3.79
C VAL B 125 24.02 3.63 3.94
N LEU B 126 23.10 2.70 3.70
CA LEU B 126 21.70 2.95 3.98
C LEU B 126 21.32 2.31 5.31
N ILE B 127 20.35 2.90 6.00
CA ILE B 127 19.88 2.39 7.27
C ILE B 127 18.36 2.22 7.19
N THR B 128 17.86 1.02 7.44
CA THR B 128 16.42 0.80 7.36
C THR B 128 15.75 1.48 8.55
N PRO B 129 14.48 1.87 8.38
CA PRO B 129 13.74 2.36 9.54
C PRO B 129 13.74 1.34 10.68
N GLN B 131 11.84 -0.36 13.88
CA GLN B 131 10.46 -0.53 14.29
C GLN B 131 10.10 0.58 15.28
N ARG B 132 8.82 0.87 15.39
CA ARG B 132 8.36 1.94 16.27
C ARG B 132 7.06 1.50 16.91
N ASN B 133 6.91 1.79 18.18
CA ASN B 133 5.63 1.52 18.81
C ASN B 133 4.80 2.78 18.81
N ASP B 134 3.67 2.77 19.51
CA ASP B 134 2.82 3.95 19.62
C ASP B 134 3.67 5.15 20.02
N PHE B 135 3.59 6.21 19.22
CA PHE B 135 4.39 7.41 19.43
C PHE B 135 3.54 8.52 20.02
N VAL B 136 4.06 9.20 21.04
CA VAL B 136 3.41 10.41 21.54
C VAL B 136 4.48 11.49 21.71
N TYR B 137 4.31 12.61 21.03
CA TYR B 137 5.32 13.67 21.06
C TYR B 137 5.40 14.30 22.44
N ILE B 138 6.61 14.33 22.98
CA ILE B 138 6.84 14.81 24.35
C ILE B 138 6.48 16.28 24.56
N ALA B 139 6.48 17.08 23.49
CA ALA B 139 6.14 18.50 23.60
C ALA B 139 4.69 18.83 23.25
N ASP B 140 3.96 17.85 22.73
CA ASP B 140 2.55 18.04 22.37
C ASP B 140 1.92 16.68 22.05
N ALA B 141 1.19 16.16 23.01
CA ALA B 141 0.66 14.80 22.92
C ALA B 141 -0.39 14.64 21.82
N LYS B 142 -0.92 15.75 21.31
CA LYS B 142 -1.84 15.72 20.18
C LYS B 142 -1.13 15.22 18.92
N ASN B 143 0.20 15.33 18.90
CA ASN B 143 1.01 14.77 17.84
C ASN B 143 1.36 13.36 18.25
N ASN B 144 0.65 12.38 17.67
CA ASN B 144 0.83 10.99 18.04
C ASN B 144 0.54 10.06 16.87
N ALA B 145 0.95 8.80 17.01
CA ALA B 145 0.82 7.83 15.93
C ALA B 145 0.81 6.44 16.50
N PHE B 146 0.12 5.51 15.85
CA PHE B 146 0.18 4.12 16.28
C PHE B 146 1.48 3.45 15.81
N GLY B 147 1.81 2.32 16.43
CA GLY B 147 3.04 1.61 16.13
C GLY B 147 3.01 0.80 14.85
N SER B 148 4.17 0.29 14.46
CA SER B 148 4.31 -0.38 13.18
C SER B 148 3.79 -1.83 13.18
N TYR B 149 3.15 -2.23 14.28
CA TYR B 149 2.41 -3.49 14.33
C TYR B 149 1.14 -3.41 13.47
N GLN B 150 0.81 -2.19 13.06
CA GLN B 150 -0.42 -1.92 12.30
C GLN B 150 -0.09 -1.21 10.98
N LYS B 151 -0.88 -1.47 9.95
CA LYS B 151 -0.66 -0.80 8.67
C LYS B 151 -1.15 0.65 8.70
N LYS B 152 -0.45 1.51 7.96
CA LYS B 152 -0.88 2.88 7.78
C LYS B 152 -1.11 3.07 6.29
N ASN B 153 -2.32 3.50 5.94
CA ASN B 153 -2.69 3.65 4.53
C ASN B 153 -2.33 2.40 3.73
N GLY B 154 -2.57 1.25 4.33
CA GLY B 154 -2.40 -0.03 3.68
C GLY B 154 -1.01 -0.61 3.69
N GLN B 155 -0.03 0.13 4.20
CA GLN B 155 1.36 -0.33 4.10
C GLN B 155 1.94 -0.62 5.46
N THR B 156 2.81 -1.62 5.53
CA THR B 156 3.55 -1.88 6.74
C THR B 156 4.88 -1.13 6.68
N LEU B 157 5.43 -0.81 7.84
CA LEU B 157 6.73 -0.19 7.90
C LEU B 157 7.78 -1.16 7.35
N GLU B 158 7.53 -2.46 7.51
CA GLU B 158 8.43 -3.47 6.98
C GLU B 158 8.63 -3.31 5.47
N GLU B 159 7.58 -2.94 4.76
CA GLU B 159 7.66 -2.71 3.32
C GLU B 159 8.66 -1.59 2.98
N PHE B 160 8.78 -0.61 3.87
CA PHE B 160 9.75 0.47 3.70
C PHE B 160 11.17 -0.04 3.97
N ALA B 161 11.33 -0.84 5.01
CA ALA B 161 12.62 -1.45 5.29
C ALA B 161 13.05 -2.31 4.13
N ASN B 162 12.11 -3.06 3.58
CA ASN B 162 12.38 -3.95 2.46
C ASN B 162 12.79 -3.21 1.19
N ALA B 163 12.20 -2.04 0.96
CA ALA B 163 12.59 -1.20 -0.17
C ALA B 163 14.04 -0.74 -0.02
N VAL B 164 14.41 -0.28 1.17
CA VAL B 164 15.78 0.13 1.44
C VAL B 164 16.75 -1.05 1.26
N LEU B 165 16.38 -2.22 1.77
CA LEU B 165 17.20 -3.42 1.56
C LEU B 165 17.35 -3.75 0.08
N THR B 166 16.28 -3.57 -0.69
CA THR B 166 16.30 -3.87 -2.11
C THR B 166 17.21 -2.90 -2.86
N ILE B 167 17.11 -1.62 -2.54
CA ILE B 167 17.97 -0.63 -3.18
C ILE B 167 19.44 -0.91 -2.88
N GLY B 168 19.74 -1.21 -1.61
CA GLY B 168 21.09 -1.51 -1.20
C GLY B 168 21.62 -2.74 -1.91
N ARG B 169 20.79 -3.78 -1.99
CA ARG B 169 21.20 -5.02 -2.63
C ARG B 169 21.47 -4.79 -4.11
N TYR B 170 20.58 -4.06 -4.77
CA TYR B 170 20.74 -3.74 -6.17
C TYR B 170 22.04 -2.96 -6.44
N GLU B 171 22.29 -1.91 -5.64
CA GLU B 171 23.45 -1.04 -5.84
C GLU B 171 24.74 -1.56 -5.21
N GLN B 172 24.63 -2.67 -4.48
CA GLN B 172 25.75 -3.21 -3.71
C GLN B 172 26.23 -2.18 -2.71
N ILE B 173 25.26 -1.52 -2.08
CA ILE B 173 25.48 -0.55 -1.03
C ILE B 173 25.11 -1.23 0.28
N PRO B 174 26.01 -1.21 1.27
CA PRO B 174 25.69 -1.88 2.54
C PRO B 174 24.49 -1.25 3.23
N VAL B 175 23.70 -2.09 3.88
CA VAL B 175 22.51 -1.65 4.60
C VAL B 175 22.56 -2.11 6.04
N VAL B 176 22.43 -1.16 6.95
CA VAL B 176 22.24 -1.47 8.37
C VAL B 176 20.76 -1.76 8.58
N ASP B 177 20.44 -3.02 8.83
CA ASP B 177 19.05 -3.43 8.92
C ASP B 177 18.55 -3.32 10.36
N LEU B 178 18.16 -2.11 10.76
CA LEU B 178 17.61 -1.89 12.08
C LEU B 178 16.26 -2.58 12.23
N TYR B 179 15.48 -2.63 11.15
CA TYR B 179 14.13 -3.19 11.24
C TYR B 179 14.14 -4.63 11.73
N HIS B 180 15.07 -5.43 11.19
CA HIS B 180 15.17 -6.83 11.57
C HIS B 180 16.25 -7.10 12.62
N HIS B 181 16.74 -6.05 13.27
CA HIS B 181 17.76 -6.23 14.29
C HIS B 181 17.17 -6.99 15.47
N PRO B 182 17.81 -8.07 15.91
CA PRO B 182 17.22 -8.92 16.96
C PRO B 182 16.96 -8.22 18.30
N LEU B 183 17.64 -7.10 18.57
CA LEU B 183 17.44 -6.40 19.84
C LEU B 183 16.39 -5.29 19.73
N LEU B 184 16.04 -4.92 18.51
CA LEU B 184 15.17 -3.75 18.29
C LEU B 184 13.72 -4.16 18.04
N THR B 185 13.12 -4.78 19.04
CA THR B 185 11.80 -5.38 18.92
C THR B 185 10.73 -4.48 19.51
N LEU B 186 9.49 -4.64 19.03
CA LEU B 186 8.39 -3.80 19.47
C LEU B 186 8.19 -3.84 20.98
N ARG B 187 8.36 -5.02 21.56
CA ARG B 187 8.13 -5.21 22.99
C ARG B 187 9.10 -4.38 23.82
N ASN B 188 10.25 -4.03 23.25
CA ASN B 188 11.26 -3.29 23.98
C ASN B 188 11.33 -1.80 23.70
N VAL B 190 9.07 0.63 24.61
CA VAL B 190 8.70 1.34 25.82
C VAL B 190 8.27 0.32 26.86
N LYS B 191 8.50 0.62 28.14
CA LYS B 191 8.17 -0.34 29.18
C LYS B 191 6.67 -0.45 29.41
N PHE B 192 5.96 0.64 29.19
CA PHE B 192 4.50 0.67 29.34
C PHE B 192 3.98 1.97 28.75
N LYS B 193 2.68 2.00 28.50
CA LYS B 193 1.97 3.22 28.15
C LYS B 193 1.07 3.48 29.34
N HIS B 194 1.21 4.65 29.95
CA HIS B 194 0.50 4.99 31.17
C HIS B 194 -0.86 5.58 30.80
N LEU B 195 -1.91 4.78 30.96
CA LEU B 195 -3.22 5.11 30.42
C LEU B 195 -4.33 4.96 31.43
N LYS B 196 -5.35 5.80 31.31
CA LYS B 196 -6.59 5.58 32.05
C LYS B 196 -7.25 4.28 31.59
N ASN B 197 -7.57 3.43 32.56
CA ASN B 197 -8.35 2.23 32.30
C ASN B 197 -9.77 2.70 31.97
N PRO B 198 -10.27 2.37 30.77
CA PRO B 198 -11.59 2.88 30.38
C PRO B 198 -12.72 2.31 31.24
N LYS B 199 -12.46 1.25 31.98
CA LYS B 199 -13.47 0.64 32.84
C LYS B 199 -13.68 1.36 34.18
N ASN B 200 -12.65 2.07 34.65
CA ASN B 200 -12.74 2.71 35.96
C ASN B 200 -12.09 4.09 36.06
N GLY B 201 -11.44 4.52 34.99
CA GLY B 201 -10.81 5.84 34.96
C GLY B 201 -9.55 5.96 35.79
N LYS B 202 -9.02 4.84 36.27
CA LYS B 202 -7.78 4.83 37.04
C LYS B 202 -6.59 4.57 36.12
N TYR B 203 -5.45 5.19 36.42
CA TYR B 203 -4.23 4.96 35.62
C TYR B 203 -3.66 3.57 35.82
N VAL B 204 -3.25 2.95 34.72
CA VAL B 204 -2.67 1.62 34.70
C VAL B 204 -1.44 1.62 33.78
N ASN B 205 -0.39 0.92 34.19
CA ASN B 205 0.77 0.69 33.32
C ASN B 205 0.49 -0.48 32.40
N TYR B 206 0.24 -0.20 31.12
CA TYR B 206 0.02 -1.25 30.14
C TYR B 206 1.24 -1.48 29.27
N LYS B 207 1.86 -2.66 29.37
CA LYS B 207 2.98 -2.98 28.49
C LYS B 207 2.44 -3.35 27.11
N TYR B 208 3.34 -3.50 26.15
CA TYR B 208 2.97 -3.99 24.83
C TYR B 208 2.83 -5.52 24.91
N PRO B 209 1.79 -6.10 24.27
CA PRO B 209 0.79 -5.49 23.40
C PRO B 209 -0.51 -5.09 24.09
N ALA B 210 -0.59 -5.19 25.41
CA ALA B 210 -1.83 -4.84 26.10
C ALA B 210 -2.31 -3.42 25.75
N PHE B 211 -1.39 -2.48 25.56
CA PHE B 211 -1.80 -1.09 25.36
C PHE B 211 -2.44 -0.80 24.01
N VAL B 212 -2.27 -1.70 23.04
CA VAL B 212 -2.80 -1.41 21.72
C VAL B 212 -4.33 -1.42 21.76
N ASN B 213 -4.87 -2.06 22.79
CA ASN B 213 -6.31 -2.24 22.96
C ASN B 213 -6.97 -1.18 23.84
N ILE B 214 -6.19 -0.20 24.29
CA ILE B 214 -6.67 0.78 25.26
C ILE B 214 -6.71 2.18 24.63
N PRO B 215 -7.89 2.83 24.67
CA PRO B 215 -7.99 4.15 24.05
C PRO B 215 -7.07 5.18 24.70
N PHE B 216 -6.54 6.09 23.88
CA PHE B 216 -5.71 7.18 24.39
C PHE B 216 -6.30 8.49 23.89
N ASN B 217 -6.72 9.32 24.83
CA ASN B 217 -7.18 10.66 24.48
C ASN B 217 -6.15 11.65 25.00
N PRO B 218 -5.42 12.32 24.10
CA PRO B 218 -4.29 13.20 24.46
C PRO B 218 -4.68 14.35 25.37
N GLU B 219 -5.95 14.77 25.35
CA GLU B 219 -6.37 15.87 26.20
C GLU B 219 -7.04 15.43 27.50
N ASN B 220 -7.14 14.11 27.71
CA ASN B 220 -7.77 13.56 28.92
C ASN B 220 -6.90 12.48 29.59
N ASN B 221 -5.61 12.53 29.30
CA ASN B 221 -4.67 11.53 29.79
C ASN B 221 -3.33 12.22 29.92
N GLU B 222 -2.65 12.02 31.05
CA GLU B 222 -1.32 12.56 31.23
C GLU B 222 -0.40 11.99 30.15
N TYR B 223 0.73 12.64 29.92
CA TYR B 223 1.71 12.11 28.97
C TYR B 223 1.99 10.65 29.32
N PRO B 224 1.80 9.75 28.33
CA PRO B 224 1.76 8.33 28.69
C PRO B 224 3.12 7.66 28.82
N TYR B 225 4.19 8.40 28.55
CA TYR B 225 5.54 7.85 28.69
C TYR B 225 6.39 8.65 29.67
N PRO B 226 6.09 8.50 30.97
CA PRO B 226 6.97 9.12 31.96
C PRO B 226 8.36 8.50 31.89
N PRO B 227 9.36 9.09 32.59
CA PRO B 227 10.72 8.56 32.50
C PRO B 227 10.86 7.05 32.76
N ALA B 228 10.02 6.51 33.64
CA ALA B 228 10.08 5.07 33.96
C ALA B 228 9.70 4.19 32.76
N ALA B 229 9.10 4.79 31.75
CA ALA B 229 8.66 4.03 30.58
C ALA B 229 9.75 3.87 29.52
N VAL B 230 10.86 4.59 29.67
CA VAL B 230 11.91 4.55 28.67
C VAL B 230 12.50 3.16 28.54
N ASN B 231 12.65 2.69 27.29
CA ASN B 231 13.42 1.47 27.04
C ASN B 231 14.35 1.68 25.84
N LEU B 232 14.01 1.15 24.66
CA LEU B 232 14.80 1.44 23.46
C LEU B 232 14.48 2.82 22.91
N THR B 233 13.30 3.33 23.26
CA THR B 233 12.88 4.69 22.91
C THR B 233 12.41 5.41 24.16
N TYR B 234 12.28 6.74 24.05
CA TYR B 234 11.70 7.49 25.17
C TYR B 234 10.26 7.91 24.92
N ASP B 235 9.77 7.72 23.69
CA ASP B 235 8.43 8.17 23.31
C ASP B 235 7.71 7.23 22.34
N GLY B 236 8.23 6.01 22.19
CA GLY B 236 7.68 5.04 21.26
C GLY B 236 8.44 4.97 19.95
N LEU B 237 9.12 6.06 19.60
CA LEU B 237 9.71 6.24 18.27
C LEU B 237 11.20 6.57 18.31
N HIS B 238 11.57 7.59 19.08
CA HIS B 238 12.93 8.09 19.06
C HIS B 238 13.81 7.37 20.06
N PRO B 239 14.98 6.89 19.59
CA PRO B 239 15.85 6.09 20.46
C PRO B 239 16.23 6.77 21.77
N SER B 240 16.27 5.97 22.82
CA SER B 240 16.91 6.33 24.07
C SER B 240 18.42 6.23 23.91
N ASP B 241 19.15 6.49 25.01
CA ASP B 241 20.58 6.26 25.03
C ASP B 241 20.89 4.82 24.63
N LYS B 242 20.14 3.87 25.18
CA LYS B 242 20.33 2.45 24.84
C LYS B 242 20.06 2.17 23.35
N GLY B 243 18.98 2.73 22.83
CA GLY B 243 18.65 2.56 21.42
C GLY B 243 19.75 3.13 20.53
N ASN B 244 20.18 4.34 20.85
CA ASN B 244 21.26 4.98 20.08
C ASN B 244 22.57 4.19 20.12
N ALA B 245 22.83 3.54 21.25
CA ALA B 245 24.07 2.78 21.38
C ALA B 245 24.04 1.56 20.47
N ILE B 246 22.88 0.92 20.39
CA ILE B 246 22.72 -0.23 19.52
C ILE B 246 22.85 0.16 18.05
N ILE B 247 22.22 1.27 17.67
CA ILE B 247 22.34 1.77 16.31
C ILE B 247 23.80 2.13 15.95
N ALA B 248 24.46 2.86 16.83
CA ALA B 248 25.85 3.26 16.59
C ALA B 248 26.77 2.05 16.45
N SER B 249 26.58 1.03 17.28
CA SER B 249 27.39 -0.18 17.19
C SER B 249 27.18 -0.90 15.86
N ALA B 250 25.92 -1.00 15.43
CA ALA B 250 25.63 -1.63 14.15
C ALA B 250 26.26 -0.86 13.00
N LEU B 251 26.15 0.46 13.06
CA LEU B 251 26.68 1.30 11.99
C LEU B 251 28.21 1.23 11.98
N ALA B 252 28.80 1.19 13.17
CA ALA B 252 30.25 1.13 13.28
C ALA B 252 30.79 -0.15 12.64
N ASP B 253 30.09 -1.25 12.84
CA ASP B 253 30.49 -2.53 12.28
C ASP B 253 30.60 -2.44 10.76
N VAL B 254 29.66 -1.73 10.14
CA VAL B 254 29.66 -1.55 8.69
C VAL B 254 30.77 -0.63 8.24
N PHE B 255 30.95 0.49 8.95
CA PHE B 255 32.02 1.43 8.62
C PHE B 255 33.38 0.73 8.68
N ARG B 256 33.55 -0.15 9.67
CA ARG B 256 34.78 -0.92 9.80
C ARG B 256 35.00 -1.81 8.59
N GLN B 257 33.92 -2.48 8.15
CA GLN B 257 33.99 -3.39 7.00
C GLN B 257 34.33 -2.64 5.72
N LEU B 258 33.98 -1.36 5.68
CA LEU B 258 34.24 -0.53 4.51
C LEU B 258 35.65 0.06 4.55
N GLY B 259 36.40 -0.25 5.60
CA GLY B 259 37.75 0.25 5.75
C GLY B 259 37.82 1.70 6.21
N LEU B 260 36.78 2.14 6.90
CA LEU B 260 36.71 3.53 7.36
C LEU B 260 37.27 3.70 8.77
N SER B 261 37.62 2.58 9.41
CA SER B 261 38.21 2.62 10.74
C SER B 261 39.74 2.65 10.66
#